data_5NBU
#
_entry.id   5NBU
#
_cell.length_a   114.100
_cell.length_b   39.340
_cell.length_c   89.410
_cell.angle_alpha   90.00
_cell.angle_beta   103.70
_cell.angle_gamma   90.00
#
_symmetry.space_group_name_H-M   'C 1 2 1'
#
loop_
_entity.id
_entity.type
_entity.pdbx_description
1 polymer Alpha-1-antitrypsin
2 non-polymer GLYCEROL
3 non-polymer 'OXAMIC ACID'
4 water water
#
_entity_poly.entity_id   1
_entity_poly.type   'polypeptide(L)'
_entity_poly.pdbx_seq_one_letter_code
;GDHPTFNKITPNLAEFAFSLYRQLAHQSNSTNILFSPVSIAAAFAMLSLGAKGDTHDEILEGLNFNLTEIPEAQIHEGFQ
ELLRTLNQPDSQLQLTTGNGLFLSEGLKLVDKFLEDVKKLYHSEAFTVNFGDTEEAKKQINDYVEKGTQGKIVDLVKELD
RDTVFALVNYIFFKGKWERPFEVKDTEEEDFHVDQVTTVKVPMMKRLGMFNIQHSKKLSSWVLLMKYLGNATAIFFLPDE
GKLQHLENELTHDIITKFLENEDRRSASLHLPKLSITGTYDLKSVLGQLGITKVFSNGADLSGVTEEAPLKLSKAVHKAV
LTIDEKGTEAAGAMFLEAIPMSIPPEVKFNKPFVFLIIEQNTKAPLFMGRVVNPTQK
;
_entity_poly.pdbx_strand_id   A
#
loop_
_chem_comp.id
_chem_comp.type
_chem_comp.name
_chem_comp.formula
GOL non-polymer GLYCEROL 'C3 H8 O3'
OXM non-polymer 'OXAMIC ACID' 'C2 H3 N O3'
#
# COMPACT_ATOMS: atom_id res chain seq x y z
N THR A 5 -19.44 8.32 -6.55
CA THR A 5 -19.10 7.00 -5.92
C THR A 5 -17.64 6.92 -5.42
N PHE A 6 -16.83 7.92 -5.76
CA PHE A 6 -15.41 7.91 -5.47
C PHE A 6 -14.91 9.34 -5.10
N ASN A 7 -13.79 9.34 -4.40
CA ASN A 7 -13.05 10.53 -4.06
C ASN A 7 -12.39 11.10 -5.41
N LYS A 8 -12.37 12.44 -5.54
CA LYS A 8 -11.76 13.12 -6.71
C LYS A 8 -10.30 12.67 -6.98
N ILE A 9 -9.56 12.27 -5.96
CA ILE A 9 -8.21 11.89 -6.19
C ILE A 9 -8.02 10.43 -6.46
N THR A 10 -9.08 9.61 -6.42
CA THR A 10 -8.89 8.16 -6.63
C THR A 10 -8.25 7.84 -7.98
N PRO A 11 -8.73 8.46 -9.07
CA PRO A 11 -8.04 8.15 -10.36
C PRO A 11 -6.54 8.49 -10.40
N ASN A 12 -6.19 9.57 -9.73
CA ASN A 12 -4.78 9.95 -9.65
C ASN A 12 -3.98 8.91 -8.87
N LEU A 13 -4.51 8.55 -7.68
CA LEU A 13 -3.88 7.49 -6.86
C LEU A 13 -3.74 6.17 -7.60
N ALA A 14 -4.73 5.82 -8.44
CA ALA A 14 -4.56 4.60 -9.24
C ALA A 14 -3.42 4.71 -10.21
N GLU A 15 -3.28 5.85 -10.87
CA GLU A 15 -2.21 6.06 -11.79
C GLU A 15 -0.86 6.01 -11.06
N PHE A 16 -0.82 6.63 -9.91
CA PHE A 16 0.41 6.61 -9.08
C PHE A 16 0.74 5.19 -8.67
N ALA A 17 -0.26 4.47 -8.20
CA ALA A 17 -0.06 3.03 -7.91
C ALA A 17 0.55 2.31 -9.07
N PHE A 18 0.00 2.46 -10.28
CA PHE A 18 0.56 1.75 -11.42
C PHE A 18 1.92 2.24 -11.83
N SER A 19 2.15 3.51 -11.73
CA SER A 19 3.46 4.09 -12.09
C SER A 19 4.55 3.48 -11.18
N LEU A 20 4.28 3.49 -9.89
N LEU A 20 4.29 3.48 -9.88
CA LEU A 20 5.28 3.02 -8.92
CA LEU A 20 5.31 3.02 -8.93
C LEU A 20 5.47 1.51 -9.09
C LEU A 20 5.48 1.49 -9.05
N TYR A 21 4.36 0.77 -9.13
CA TYR A 21 4.42 -0.68 -9.35
C TYR A 21 5.24 -1.09 -10.57
N ARG A 22 4.95 -0.45 -11.73
CA ARG A 22 5.59 -0.79 -12.95
C ARG A 22 7.04 -0.45 -12.93
N GLN A 23 7.39 0.55 -12.15
CA GLN A 23 8.83 0.87 -11.95
C GLN A 23 9.54 -0.27 -11.24
N LEU A 24 8.94 -0.76 -10.17
CA LEU A 24 9.52 -1.90 -9.44
C LEU A 24 9.53 -3.14 -10.29
N ALA A 25 8.44 -3.38 -11.02
CA ALA A 25 8.33 -4.63 -11.78
C ALA A 25 9.26 -4.62 -12.96
N HIS A 26 9.53 -3.45 -13.53
CA HIS A 26 10.48 -3.33 -14.68
C HIS A 26 11.88 -3.83 -14.35
N GLN A 27 12.35 -3.57 -13.13
N GLN A 27 12.31 -3.62 -13.12
CA GLN A 27 13.71 -3.95 -12.75
CA GLN A 27 13.65 -3.89 -12.69
C GLN A 27 13.81 -5.46 -12.52
C GLN A 27 13.88 -5.32 -12.19
N SER A 28 12.81 -6.04 -11.86
CA SER A 28 12.91 -7.45 -11.44
C SER A 28 11.59 -8.18 -11.58
N ASN A 29 11.60 -9.35 -12.24
CA ASN A 29 10.44 -10.27 -12.23
C ASN A 29 10.52 -11.35 -11.15
N SER A 30 11.47 -11.25 -10.24
CA SER A 30 11.55 -12.25 -9.18
C SER A 30 11.28 -11.74 -7.78
N THR A 31 10.97 -10.47 -7.63
CA THR A 31 10.80 -9.94 -6.34
C THR A 31 9.31 -9.80 -5.98
N ASN A 32 8.98 -10.01 -4.72
CA ASN A 32 7.64 -9.67 -4.16
C ASN A 32 7.63 -8.12 -4.13
N ILE A 33 6.45 -7.55 -4.30
CA ILE A 33 6.23 -6.12 -4.26
C ILE A 33 5.08 -5.88 -3.29
N LEU A 34 5.21 -4.86 -2.43
CA LEU A 34 4.14 -4.43 -1.54
C LEU A 34 4.37 -3.01 -1.13
N PHE A 35 3.40 -2.12 -1.40
CA PHE A 35 3.43 -0.79 -0.96
C PHE A 35 2.08 -0.19 -0.91
N SER A 36 1.95 0.95 -0.26
CA SER A 36 0.66 1.70 -0.16
C SER A 36 0.78 2.93 -1.05
N PRO A 37 0.03 2.91 -2.17
CA PRO A 37 -0.15 4.15 -2.98
C PRO A 37 -0.67 5.26 -2.13
N VAL A 38 -1.67 4.98 -1.32
CA VAL A 38 -2.25 5.98 -0.49
C VAL A 38 -1.30 6.59 0.54
N SER A 39 -0.55 5.75 1.24
CA SER A 39 0.19 6.28 2.38
C SER A 39 1.37 7.09 1.83
N ILE A 40 1.98 6.59 0.80
CA ILE A 40 3.13 7.29 0.18
C ILE A 40 2.62 8.62 -0.39
N ALA A 41 1.56 8.60 -1.21
CA ALA A 41 1.08 9.81 -1.81
C ALA A 41 0.63 10.81 -0.77
N ALA A 42 0.01 10.36 0.30
CA ALA A 42 -0.45 11.29 1.30
C ALA A 42 0.77 11.89 2.01
N ALA A 43 1.81 11.10 2.20
CA ALA A 43 3.06 11.62 2.84
C ALA A 43 3.68 12.75 2.02
N PHE A 44 3.71 12.58 0.72
CA PHE A 44 4.30 13.62 -0.15
C PHE A 44 3.40 14.80 -0.45
N ALA A 45 2.07 14.57 -0.58
CA ALA A 45 1.16 15.64 -0.77
C ALA A 45 1.22 16.52 0.55
N MET A 46 1.25 15.87 1.71
CA MET A 46 1.49 16.55 3.01
C MET A 46 2.77 17.40 2.93
N LEU A 47 3.87 16.81 2.51
CA LEU A 47 5.16 17.53 2.34
C LEU A 47 5.07 18.73 1.46
N SER A 48 4.30 18.60 0.37
CA SER A 48 4.18 19.67 -0.60
C SER A 48 3.57 20.91 0.06
N LEU A 49 2.85 20.78 1.17
CA LEU A 49 2.37 21.98 1.90
C LEU A 49 3.46 22.95 2.36
N GLY A 50 4.65 22.44 2.59
CA GLY A 50 5.82 23.21 3.00
C GLY A 50 6.72 23.58 1.83
N ALA A 51 6.38 23.16 0.60
CA ALA A 51 7.25 23.40 -0.54
C ALA A 51 6.69 24.50 -1.42
N LYS A 52 7.54 25.14 -2.21
CA LYS A 52 7.08 26.09 -3.17
C LYS A 52 7.72 25.87 -4.51
N GLY A 53 7.12 26.52 -5.48
CA GLY A 53 7.65 26.52 -6.82
C GLY A 53 7.80 25.18 -7.50
N ASP A 54 8.91 25.01 -8.22
CA ASP A 54 9.17 23.74 -8.94
C ASP A 54 9.31 22.60 -7.94
N THR A 55 9.94 22.87 -6.79
CA THR A 55 9.99 21.85 -5.76
C THR A 55 8.63 21.24 -5.47
N HIS A 56 7.68 22.11 -5.22
CA HIS A 56 6.30 21.77 -4.95
C HIS A 56 5.62 21.07 -6.13
N ASP A 57 5.81 21.63 -7.31
CA ASP A 57 5.09 21.12 -8.47
C ASP A 57 5.58 19.73 -8.87
N GLU A 58 6.86 19.46 -8.80
CA GLU A 58 7.40 18.15 -9.11
C GLU A 58 6.79 17.09 -8.18
N ILE A 59 6.64 17.42 -6.89
CA ILE A 59 6.07 16.43 -5.95
C ILE A 59 4.68 16.04 -6.44
N LEU A 60 3.82 17.01 -6.67
CA LEU A 60 2.41 16.64 -6.99
C LEU A 60 2.30 15.98 -8.36
N GLU A 61 3.10 16.47 -9.32
CA GLU A 61 3.12 15.82 -10.63
C GLU A 61 3.67 14.42 -10.56
N GLY A 62 4.66 14.19 -9.70
CA GLY A 62 5.24 12.89 -9.48
C GLY A 62 4.23 11.91 -8.85
N LEU A 63 3.16 12.43 -8.27
CA LEU A 63 2.06 11.61 -7.69
C LEU A 63 0.88 11.49 -8.68
N ASN A 64 1.12 11.90 -9.92
CA ASN A 64 0.13 11.76 -11.00
C ASN A 64 -1.03 12.75 -10.91
N PHE A 65 -0.78 13.92 -10.31
CA PHE A 65 -1.71 15.05 -10.42
C PHE A 65 -1.23 16.02 -11.51
N ASN A 66 -2.09 16.31 -12.47
CA ASN A 66 -1.79 17.25 -13.53
C ASN A 66 -2.27 18.58 -13.00
N LEU A 67 -1.35 19.43 -12.60
CA LEU A 67 -1.70 20.70 -11.95
C LEU A 67 -2.37 21.68 -12.91
N THR A 68 -2.30 21.44 -14.21
CA THR A 68 -3.05 22.30 -15.13
C THR A 68 -4.55 21.98 -15.11
N GLU A 69 -4.92 20.84 -14.57
CA GLU A 69 -6.29 20.39 -14.51
C GLU A 69 -6.91 20.32 -13.16
N ILE A 70 -6.16 19.87 -12.17
CA ILE A 70 -6.77 19.64 -10.88
C ILE A 70 -6.33 20.72 -9.88
N PRO A 71 -7.28 21.50 -9.34
CA PRO A 71 -6.86 22.53 -8.37
C PRO A 71 -6.22 21.94 -7.10
N GLU A 72 -5.18 22.60 -6.56
CA GLU A 72 -4.51 22.07 -5.38
C GLU A 72 -5.45 21.84 -4.22
N ALA A 73 -6.44 22.71 -4.00
CA ALA A 73 -7.33 22.53 -2.83
C ALA A 73 -8.04 21.19 -2.88
N GLN A 74 -8.40 20.75 -4.10
CA GLN A 74 -9.08 19.47 -4.30
C GLN A 74 -8.21 18.29 -3.92
N ILE A 75 -6.93 18.42 -4.21
CA ILE A 75 -5.95 17.44 -3.77
C ILE A 75 -5.97 17.25 -2.28
N HIS A 76 -5.82 18.36 -1.53
CA HIS A 76 -5.68 18.23 -0.11
C HIS A 76 -6.99 17.87 0.58
N GLU A 77 -8.09 18.39 0.04
CA GLU A 77 -9.44 18.00 0.48
C GLU A 77 -9.64 16.47 0.29
N GLY A 78 -9.27 16.00 -0.91
CA GLY A 78 -9.25 14.58 -1.20
C GLY A 78 -8.50 13.78 -0.15
N PHE A 79 -7.26 14.15 0.14
CA PHE A 79 -6.51 13.36 1.07
C PHE A 79 -7.10 13.43 2.49
N GLN A 80 -7.57 14.60 2.85
CA GLN A 80 -8.05 14.81 4.17
C GLN A 80 -9.24 13.87 4.43
N GLU A 81 -10.15 13.78 3.47
CA GLU A 81 -11.31 12.88 3.58
C GLU A 81 -10.89 11.39 3.58
N LEU A 82 -9.99 11.03 2.69
CA LEU A 82 -9.50 9.67 2.66
C LEU A 82 -8.86 9.28 3.97
N LEU A 83 -7.94 10.10 4.46
CA LEU A 83 -7.27 9.73 5.74
C LEU A 83 -8.28 9.69 6.94
N ARG A 84 -9.31 10.52 6.89
CA ARG A 84 -10.37 10.53 7.96
C ARG A 84 -11.07 9.16 7.98
N THR A 85 -11.37 8.64 6.79
CA THR A 85 -12.03 7.34 6.67
C THR A 85 -11.13 6.27 7.24
N LEU A 86 -9.83 6.40 7.11
CA LEU A 86 -8.95 5.36 7.62
C LEU A 86 -8.70 5.42 9.10
N ASN A 87 -8.96 6.54 9.73
CA ASN A 87 -8.74 6.68 11.16
C ASN A 87 -10.04 6.57 11.97
N GLN A 88 -11.22 6.58 11.32
CA GLN A 88 -12.55 6.79 11.98
C GLN A 88 -12.76 5.92 13.21
N SER A 91 -13.75 1.81 13.63
CA SER A 91 -13.53 1.09 12.37
C SER A 91 -13.01 -0.31 12.62
N GLN A 92 -13.71 -1.28 12.05
CA GLN A 92 -13.35 -2.70 12.10
C GLN A 92 -12.10 -3.11 11.31
N LEU A 93 -11.62 -2.19 10.49
CA LEU A 93 -10.58 -2.43 9.50
C LEU A 93 -9.25 -2.62 10.20
N GLN A 94 -8.99 -1.73 11.15
CA GLN A 94 -7.79 -1.81 11.97
C GLN A 94 -6.61 -1.84 11.03
N LEU A 95 -6.57 -0.75 10.30
CA LEU A 95 -5.48 -0.42 9.50
C LEU A 95 -4.61 0.37 10.45
N THR A 96 -3.29 0.22 10.34
CA THR A 96 -2.44 1.14 11.04
C THR A 96 -1.58 1.82 9.99
N THR A 97 -1.69 3.14 9.89
CA THR A 97 -0.80 3.90 9.01
C THR A 97 -0.32 5.17 9.69
N GLY A 98 0.92 5.55 9.42
CA GLY A 98 1.46 6.71 10.11
C GLY A 98 2.53 7.31 9.27
N ASN A 99 2.70 8.63 9.46
CA ASN A 99 3.76 9.33 8.77
C ASN A 99 4.42 10.18 9.81
N GLY A 100 5.73 10.01 10.03
CA GLY A 100 6.46 10.98 10.91
C GLY A 100 7.49 11.81 10.19
N LEU A 101 7.40 13.11 10.39
CA LEU A 101 8.36 14.08 9.95
C LEU A 101 9.28 14.37 11.14
N PHE A 102 10.58 14.33 10.91
CA PHE A 102 11.61 14.48 11.95
C PHE A 102 12.51 15.59 11.44
N LEU A 103 12.46 16.74 12.10
CA LEU A 103 13.09 17.99 11.73
C LEU A 103 14.11 18.38 12.80
N SER A 104 15.26 18.84 12.34
CA SER A 104 16.33 19.35 13.21
C SER A 104 15.76 20.34 14.19
N GLU A 105 15.96 20.10 15.48
CA GLU A 105 15.48 21.04 16.48
C GLU A 105 16.22 22.41 16.44
N GLY A 106 17.33 22.52 15.76
CA GLY A 106 17.88 23.87 15.48
C GLY A 106 17.09 24.81 14.54
N LEU A 107 16.12 24.26 13.79
CA LEU A 107 15.36 25.05 12.83
C LEU A 107 14.21 25.78 13.41
N LYS A 108 14.00 27.00 12.92
CA LYS A 108 12.81 27.76 13.26
C LYS A 108 11.70 27.30 12.29
N LEU A 109 10.68 26.63 12.81
CA LEU A 109 9.68 26.02 11.95
C LEU A 109 8.53 26.95 11.74
N VAL A 110 7.93 26.88 10.57
CA VAL A 110 6.76 27.74 10.25
C VAL A 110 5.52 27.14 10.86
N ASP A 111 4.82 27.89 11.71
CA ASP A 111 3.67 27.38 12.44
C ASP A 111 2.54 26.79 11.58
N LYS A 112 2.26 27.45 10.47
CA LYS A 112 1.19 27.07 9.56
C LYS A 112 1.44 25.66 8.99
N PHE A 113 2.69 25.35 8.68
CA PHE A 113 3.03 23.98 8.29
C PHE A 113 2.71 22.91 9.36
N LEU A 114 3.14 23.13 10.60
CA LEU A 114 2.84 22.23 11.70
C LEU A 114 1.34 22.09 11.87
N GLU A 115 0.61 23.20 11.75
CA GLU A 115 -0.84 23.18 11.79
C GLU A 115 -1.42 22.37 10.64
N ASP A 116 -0.98 22.64 9.42
CA ASP A 116 -1.53 21.96 8.22
C ASP A 116 -1.30 20.43 8.33
N VAL A 117 -0.11 20.02 8.75
CA VAL A 117 0.31 18.63 8.91
C VAL A 117 -0.67 17.93 9.88
N LYS A 118 -0.98 18.61 10.98
CA LYS A 118 -2.10 18.18 11.93
C LYS A 118 -3.53 18.16 11.31
N LYS A 119 -4.03 19.31 10.81
CA LYS A 119 -5.43 19.41 10.31
C LYS A 119 -5.72 18.55 9.08
N LEU A 120 -4.86 18.64 8.07
CA LEU A 120 -5.19 18.03 6.82
C LEU A 120 -4.70 16.64 6.78
N TYR A 121 -3.54 16.37 7.41
CA TYR A 121 -2.98 15.07 7.25
C TYR A 121 -2.99 14.18 8.49
N HIS A 122 -3.55 14.66 9.60
CA HIS A 122 -3.73 13.93 10.85
C HIS A 122 -2.43 13.33 11.24
N SER A 123 -1.37 14.14 11.14
CA SER A 123 -0.05 13.61 11.13
C SER A 123 0.81 14.29 12.14
N GLU A 124 2.03 13.79 12.24
CA GLU A 124 2.93 14.05 13.33
C GLU A 124 4.22 14.69 12.79
N ALA A 125 4.63 15.81 13.41
CA ALA A 125 5.97 16.42 13.22
C ALA A 125 6.76 16.51 14.55
N PHE A 126 8.01 16.11 14.50
CA PHE A 126 8.82 16.02 15.70
C PHE A 126 10.08 16.76 15.42
N THR A 127 10.67 17.30 16.46
CA THR A 127 12.00 17.89 16.32
C THR A 127 12.95 16.92 16.98
N VAL A 128 14.15 16.80 16.42
CA VAL A 128 15.14 15.91 16.98
C VAL A 128 16.50 16.51 16.82
N ASN A 129 17.43 15.99 17.65
CA ASN A 129 18.80 16.44 17.52
C ASN A 129 19.57 15.50 16.58
N PHE A 130 19.72 15.94 15.32
CA PHE A 130 20.46 15.21 14.32
C PHE A 130 22.03 15.30 14.53
N GLY A 131 22.44 16.08 15.51
CA GLY A 131 23.86 16.06 15.94
C GLY A 131 24.29 14.76 16.55
N ASP A 132 23.33 14.07 17.17
CA ASP A 132 23.54 12.74 17.66
C ASP A 132 22.84 11.75 16.69
N THR A 133 23.57 11.33 15.67
CA THR A 133 23.00 10.52 14.60
C THR A 133 22.34 9.23 15.11
N GLU A 134 23.04 8.50 15.97
CA GLU A 134 22.50 7.28 16.52
C GLU A 134 21.26 7.46 17.33
N GLU A 135 21.20 8.50 18.16
CA GLU A 135 20.06 8.70 18.98
C GLU A 135 18.90 9.18 18.14
N ALA A 136 19.20 9.95 17.10
CA ALA A 136 18.11 10.39 16.21
C ALA A 136 17.45 9.17 15.51
N LYS A 137 18.29 8.29 15.00
CA LYS A 137 17.86 7.06 14.38
C LYS A 137 17.01 6.23 15.37
N LYS A 138 17.48 6.11 16.61
CA LYS A 138 16.69 5.44 17.66
C LYS A 138 15.34 6.06 17.89
N GLN A 139 15.28 7.37 18.02
CA GLN A 139 14.03 8.01 18.25
C GLN A 139 13.06 7.81 17.04
N ILE A 140 13.61 7.88 15.83
CA ILE A 140 12.77 7.60 14.62
C ILE A 140 12.25 6.18 14.65
N ASN A 141 13.13 5.24 14.91
CA ASN A 141 12.74 3.85 14.88
C ASN A 141 11.83 3.50 16.06
N ASP A 142 12.03 4.12 17.23
CA ASP A 142 11.13 3.89 18.35
C ASP A 142 9.71 4.38 18.05
N TYR A 143 9.58 5.54 17.38
CA TYR A 143 8.32 6.07 16.90
C TYR A 143 7.55 5.08 16.03
N VAL A 144 8.24 4.48 15.06
CA VAL A 144 7.63 3.54 14.15
C VAL A 144 7.28 2.24 14.89
N GLU A 145 8.21 1.74 15.68
CA GLU A 145 7.95 0.57 16.52
C GLU A 145 6.75 0.79 17.43
N LYS A 146 6.65 1.93 18.06
CA LYS A 146 5.58 2.21 18.99
C LYS A 146 4.29 2.25 18.21
N GLY A 147 4.31 2.98 17.11
CA GLY A 147 3.14 3.07 16.26
C GLY A 147 2.67 1.76 15.65
N THR A 148 3.51 0.74 15.52
CA THR A 148 3.06 -0.52 14.91
C THR A 148 2.90 -1.61 15.97
N GLN A 149 2.73 -1.16 17.21
CA GLN A 149 2.81 -1.97 18.45
C GLN A 149 3.77 -3.12 18.25
N GLY A 150 5.02 -2.76 17.89
CA GLY A 150 6.07 -3.71 17.66
C GLY A 150 6.21 -4.42 16.35
N LYS A 151 5.31 -4.22 15.38
CA LYS A 151 5.49 -4.96 14.10
C LYS A 151 6.66 -4.52 13.28
N ILE A 152 6.95 -3.24 13.30
CA ILE A 152 8.07 -2.76 12.47
C ILE A 152 9.22 -2.27 13.37
N VAL A 153 10.35 -2.95 13.20
N VAL A 153 10.31 -3.01 13.43
CA VAL A 153 11.54 -2.78 14.02
CA VAL A 153 11.41 -2.61 14.33
C VAL A 153 12.74 -2.34 13.17
C VAL A 153 12.60 -2.16 13.47
N ASP A 154 13.59 -1.49 13.74
N ASP A 154 13.33 -1.15 13.93
CA ASP A 154 14.79 -1.08 13.05
CA ASP A 154 14.64 -0.79 13.35
C ASP A 154 14.46 -0.69 11.64
C ASP A 154 14.57 -0.43 11.84
N LEU A 155 13.47 0.20 11.46
CA LEU A 155 13.15 0.59 10.07
C LEU A 155 14.32 1.28 9.40
N VAL A 156 14.83 2.32 10.04
CA VAL A 156 15.89 3.12 9.47
C VAL A 156 17.21 2.55 9.90
N LYS A 157 18.02 2.13 8.94
CA LYS A 157 19.33 1.54 9.25
C LYS A 157 20.45 2.54 9.31
N GLU A 158 20.35 3.66 8.60
CA GLU A 158 21.42 4.68 8.59
C GLU A 158 20.94 6.05 8.20
N LEU A 159 21.62 7.10 8.69
CA LEU A 159 21.32 8.51 8.27
C LEU A 159 22.49 9.18 7.61
N ASP A 160 22.30 10.05 6.61
CA ASP A 160 23.48 10.81 6.17
C ASP A 160 23.95 11.68 7.36
N ARG A 161 25.26 11.98 7.41
CA ARG A 161 25.77 12.77 8.55
C ARG A 161 25.17 14.17 8.52
N ASP A 162 24.82 14.66 7.33
CA ASP A 162 24.23 15.95 7.15
C ASP A 162 22.68 15.98 7.18
N THR A 163 22.07 14.96 7.74
CA THR A 163 20.58 14.92 7.79
C THR A 163 20.07 16.03 8.67
N VAL A 164 19.10 16.79 8.17
CA VAL A 164 18.31 17.66 8.98
C VAL A 164 16.80 17.48 8.89
N PHE A 165 16.37 16.57 8.04
CA PHE A 165 14.94 16.32 7.82
C PHE A 165 14.78 14.88 7.31
N ALA A 166 14.02 14.09 8.08
CA ALA A 166 13.72 12.72 7.69
C ALA A 166 12.22 12.50 7.72
N LEU A 167 11.76 11.63 6.83
CA LEU A 167 10.34 11.27 6.75
C LEU A 167 10.25 9.74 6.76
N VAL A 168 9.37 9.22 7.60
CA VAL A 168 9.16 7.77 7.68
C VAL A 168 7.63 7.55 7.56
N ASN A 169 7.28 6.59 6.72
CA ASN A 169 5.89 6.29 6.39
C ASN A 169 5.67 4.81 6.42
N TYR A 170 4.69 4.36 7.20
CA TYR A 170 4.46 2.98 7.41
C TYR A 170 2.94 2.67 7.31
N ILE A 171 2.67 1.41 6.99
CA ILE A 171 1.35 0.88 6.98
C ILE A 171 1.42 -0.59 7.35
N PHE A 172 0.50 -1.02 8.21
CA PHE A 172 0.37 -2.40 8.60
C PHE A 172 -1.14 -2.76 8.60
N PHE A 173 -1.47 -3.87 7.97
CA PHE A 173 -2.85 -4.32 7.90
C PHE A 173 -2.91 -5.81 7.97
N LYS A 174 -3.83 -6.27 8.81
CA LYS A 174 -4.20 -7.67 8.88
C LYS A 174 -5.71 -7.68 8.84
N GLY A 175 -6.28 -8.02 7.71
CA GLY A 175 -7.71 -7.86 7.64
C GLY A 175 -8.43 -9.10 8.12
N LYS A 176 -9.72 -8.93 8.30
CA LYS A 176 -10.64 -9.96 8.72
C LYS A 176 -11.62 -10.16 7.59
N TRP A 177 -11.65 -11.33 6.99
CA TRP A 177 -12.58 -11.56 5.89
C TRP A 177 -14.02 -11.48 6.38
N GLU A 178 -14.92 -10.82 5.64
CA GLU A 178 -16.34 -11.01 5.88
C GLU A 178 -16.76 -12.48 5.87
N ARG A 179 -16.24 -13.26 4.93
CA ARG A 179 -16.55 -14.68 4.80
C ARG A 179 -15.23 -15.46 4.88
N PRO A 180 -14.87 -15.92 6.08
CA PRO A 180 -13.56 -16.45 6.35
C PRO A 180 -13.31 -17.87 5.93
N PHE A 181 -12.02 -18.26 5.99
CA PHE A 181 -11.59 -19.61 5.73
C PHE A 181 -11.62 -20.34 7.07
N GLU A 182 -11.74 -21.67 7.00
N GLU A 182 -11.81 -21.65 7.04
CA GLU A 182 -11.68 -22.51 8.18
CA GLU A 182 -11.76 -22.41 8.29
C GLU A 182 -10.24 -22.88 8.39
C GLU A 182 -10.30 -22.88 8.42
N VAL A 183 -9.71 -22.57 9.57
CA VAL A 183 -8.31 -22.98 9.92
C VAL A 183 -8.03 -24.49 9.73
N LYS A 184 -9.01 -25.35 10.01
CA LYS A 184 -8.83 -26.77 9.83
C LYS A 184 -8.52 -27.16 8.43
N ASP A 185 -8.85 -26.33 7.43
CA ASP A 185 -8.69 -26.66 6.02
C ASP A 185 -7.38 -26.18 5.43
N THR A 186 -6.63 -25.43 6.22
CA THR A 186 -5.32 -24.95 5.75
C THR A 186 -4.27 -26.05 5.76
N GLU A 187 -3.61 -26.31 4.62
CA GLU A 187 -2.63 -27.38 4.51
C GLU A 187 -1.43 -26.95 3.65
N GLU A 188 -0.28 -27.64 3.77
N GLU A 188 -0.30 -27.62 3.90
CA GLU A 188 0.85 -27.25 2.95
CA GLU A 188 0.87 -27.43 3.11
C GLU A 188 0.69 -27.69 1.48
C GLU A 188 0.63 -27.80 1.68
N GLU A 189 0.79 -26.73 0.57
N GLU A 189 1.03 -26.92 0.76
CA GLU A 189 0.68 -27.01 -0.85
CA GLU A 189 0.87 -27.19 -0.67
C GLU A 189 1.92 -26.50 -1.57
C GLU A 189 1.96 -26.53 -1.54
N ASP A 190 2.06 -26.96 -2.80
CA ASP A 190 3.08 -26.42 -3.71
C ASP A 190 2.72 -25.01 -4.24
N PHE A 191 3.77 -24.18 -4.31
CA PHE A 191 3.68 -22.87 -4.96
C PHE A 191 4.69 -22.78 -6.01
N HIS A 192 4.24 -22.58 -7.24
CA HIS A 192 5.08 -22.66 -8.43
C HIS A 192 5.80 -21.33 -8.62
N VAL A 193 6.97 -21.23 -8.05
CA VAL A 193 7.81 -20.03 -8.18
C VAL A 193 8.32 -19.83 -9.59
N ASP A 194 8.58 -20.90 -10.34
CA ASP A 194 8.71 -20.87 -11.80
C ASP A 194 8.07 -22.08 -12.47
N GLN A 195 8.21 -22.21 -13.81
CA GLN A 195 7.47 -23.27 -14.59
C GLN A 195 7.99 -24.68 -14.30
N VAL A 196 9.12 -24.78 -13.64
CA VAL A 196 9.67 -26.12 -13.26
C VAL A 196 10.06 -26.27 -11.75
N THR A 197 9.72 -25.28 -10.91
CA THR A 197 10.13 -25.28 -9.52
C THR A 197 8.95 -24.95 -8.59
N THR A 198 8.79 -25.74 -7.56
CA THR A 198 7.89 -25.44 -6.48
C THR A 198 8.56 -25.31 -5.13
N VAL A 199 7.89 -24.60 -4.23
CA VAL A 199 8.20 -24.57 -2.80
C VAL A 199 6.91 -24.79 -2.00
N LYS A 200 7.02 -25.31 -0.77
CA LYS A 200 5.82 -25.57 0.08
C LYS A 200 5.36 -24.29 0.79
N VAL A 201 4.02 -24.01 0.79
CA VAL A 201 3.46 -22.91 1.58
C VAL A 201 2.17 -23.34 2.25
N PRO A 202 1.82 -22.71 3.36
CA PRO A 202 0.49 -22.97 3.92
C PRO A 202 -0.62 -22.35 3.02
N MET A 203 -1.58 -23.18 2.65
CA MET A 203 -2.55 -22.85 1.61
C MET A 203 -3.97 -23.00 2.24
N MET A 204 -4.65 -21.88 2.32
CA MET A 204 -6.04 -21.89 2.84
C MET A 204 -6.92 -22.32 1.76
N LYS A 205 -8.08 -22.93 2.08
CA LYS A 205 -8.97 -23.30 1.03
C LYS A 205 -10.38 -23.27 1.49
N ARG A 206 -11.24 -23.02 0.54
CA ARG A 206 -12.68 -22.96 0.78
C ARG A 206 -13.48 -23.14 -0.44
N LEU A 207 -14.60 -23.89 -0.30
CA LEU A 207 -15.59 -24.02 -1.32
C LEU A 207 -16.73 -23.06 -0.97
N GLY A 208 -17.08 -22.19 -1.89
CA GLY A 208 -17.97 -21.07 -1.50
C GLY A 208 -18.41 -20.34 -2.74
N MET A 209 -19.29 -19.39 -2.53
CA MET A 209 -19.79 -18.56 -3.60
C MET A 209 -18.96 -17.29 -3.62
N PHE A 210 -18.14 -17.14 -4.65
CA PHE A 210 -17.10 -16.12 -4.65
C PHE A 210 -17.41 -15.18 -5.79
N ASN A 211 -17.05 -13.93 -5.61
CA ASN A 211 -16.92 -12.99 -6.66
C ASN A 211 -15.64 -13.29 -7.43
N ILE A 212 -15.77 -14.14 -8.43
CA ILE A 212 -14.63 -14.64 -9.15
C ILE A 212 -15.00 -14.80 -10.63
N GLN A 213 -14.06 -14.52 -11.51
CA GLN A 213 -14.27 -14.65 -12.98
C GLN A 213 -12.98 -14.72 -13.71
N HIS A 214 -12.99 -15.30 -14.90
CA HIS A 214 -11.85 -15.21 -15.78
C HIS A 214 -11.95 -14.05 -16.74
N SER A 215 -10.84 -13.30 -16.89
CA SER A 215 -10.79 -12.14 -17.76
C SER A 215 -9.95 -12.46 -18.99
N LYS A 216 -10.58 -12.38 -20.17
CA LYS A 216 -9.84 -12.65 -21.38
C LYS A 216 -8.88 -11.46 -21.66
N LYS A 217 -9.30 -10.25 -21.38
CA LYS A 217 -8.52 -9.03 -21.53
C LYS A 217 -7.21 -9.09 -20.76
N LEU A 218 -7.28 -9.55 -19.51
CA LEU A 218 -6.13 -9.65 -18.68
C LEU A 218 -5.47 -11.00 -18.71
N SER A 219 -6.02 -11.95 -19.49
CA SER A 219 -5.63 -13.32 -19.43
C SER A 219 -5.41 -13.85 -17.98
N SER A 220 -6.33 -13.58 -17.05
CA SER A 220 -6.15 -13.89 -15.65
C SER A 220 -7.50 -14.20 -15.00
N TRP A 221 -7.45 -14.95 -13.94
CA TRP A 221 -8.52 -15.02 -12.98
C TRP A 221 -8.51 -13.80 -12.08
N VAL A 222 -9.71 -13.33 -11.73
CA VAL A 222 -9.90 -12.14 -10.94
C VAL A 222 -10.90 -12.46 -9.81
N LEU A 223 -10.40 -12.33 -8.59
CA LEU A 223 -11.12 -12.63 -7.39
C LEU A 223 -11.26 -11.42 -6.55
N LEU A 224 -12.47 -11.12 -6.08
CA LEU A 224 -12.69 -10.05 -5.07
C LEU A 224 -13.23 -10.55 -3.78
N MET A 225 -12.56 -10.23 -2.69
CA MET A 225 -13.02 -10.59 -1.36
C MET A 225 -13.12 -9.43 -0.42
N LYS A 226 -14.23 -9.32 0.26
CA LYS A 226 -14.46 -8.21 1.14
C LYS A 226 -13.89 -8.48 2.51
N TYR A 227 -13.40 -7.41 3.14
CA TYR A 227 -12.96 -7.44 4.48
C TYR A 227 -14.04 -6.79 5.35
N LEU A 228 -14.07 -7.16 6.63
CA LEU A 228 -14.83 -6.43 7.60
C LEU A 228 -14.20 -5.07 7.71
N GLY A 229 -15.05 -4.07 7.81
N GLY A 229 -15.00 -4.00 7.67
CA GLY A 229 -14.63 -2.71 7.67
CA GLY A 229 -14.47 -2.62 7.75
C GLY A 229 -14.59 -2.36 6.20
C GLY A 229 -14.43 -1.83 6.43
N ASN A 230 -13.97 -1.23 5.92
N ASN A 230 -15.17 -2.32 5.45
CA ASN A 230 -14.28 -0.62 4.70
CA ASN A 230 -15.30 -1.64 4.18
C ASN A 230 -13.23 -1.01 3.71
C ASN A 230 -13.99 -1.33 3.38
N ALA A 231 -13.10 -2.33 3.33
CA ALA A 231 -12.09 -2.57 2.29
C ALA A 231 -12.35 -3.84 1.52
N THR A 232 -11.75 -3.89 0.36
CA THR A 232 -11.87 -5.07 -0.53
C THR A 232 -10.54 -5.46 -1.12
N ALA A 233 -10.20 -6.74 -1.08
CA ALA A 233 -9.04 -7.25 -1.77
C ALA A 233 -9.42 -7.72 -3.16
N ILE A 234 -8.63 -7.35 -4.15
CA ILE A 234 -8.77 -7.87 -5.50
C ILE A 234 -7.48 -8.57 -5.91
N PHE A 235 -7.59 -9.85 -6.28
CA PHE A 235 -6.48 -10.67 -6.68
C PHE A 235 -6.53 -11.04 -8.14
N PHE A 236 -5.42 -10.94 -8.83
CA PHE A 236 -5.27 -11.29 -10.19
C PHE A 236 -4.30 -12.44 -10.39
N LEU A 237 -4.79 -13.53 -10.99
CA LEU A 237 -4.00 -14.77 -11.22
C LEU A 237 -3.78 -14.93 -12.68
N PRO A 238 -2.58 -14.58 -13.16
CA PRO A 238 -2.36 -14.67 -14.59
C PRO A 238 -2.29 -16.11 -15.12
N ASP A 239 -2.81 -16.29 -16.31
CA ASP A 239 -2.61 -17.50 -17.07
C ASP A 239 -1.14 -17.79 -17.23
N GLU A 240 -0.81 -19.04 -17.56
CA GLU A 240 0.57 -19.41 -17.86
C GLU A 240 1.22 -18.45 -18.79
N GLY A 241 2.38 -17.94 -18.38
CA GLY A 241 3.18 -17.02 -19.15
C GLY A 241 2.65 -15.60 -19.29
N LYS A 242 1.61 -15.25 -18.54
CA LYS A 242 0.91 -13.98 -18.76
C LYS A 242 1.06 -12.97 -17.59
N LEU A 243 2.01 -13.19 -16.69
CA LEU A 243 2.19 -12.20 -15.63
C LEU A 243 2.51 -10.81 -16.18
N GLN A 244 3.45 -10.75 -17.14
CA GLN A 244 3.86 -9.43 -17.66
C GLN A 244 2.69 -8.76 -18.41
N HIS A 245 1.93 -9.57 -19.14
CA HIS A 245 0.74 -9.08 -19.82
C HIS A 245 -0.28 -8.49 -18.84
N LEU A 246 -0.58 -9.23 -17.81
CA LEU A 246 -1.43 -8.76 -16.70
C LEU A 246 -0.97 -7.42 -16.20
N GLU A 247 0.29 -7.38 -15.77
CA GLU A 247 0.87 -6.13 -15.26
C GLU A 247 0.76 -5.00 -16.25
N ASN A 248 0.96 -5.29 -17.53
CA ASN A 248 0.90 -4.22 -18.55
C ASN A 248 -0.52 -3.71 -18.85
N GLU A 249 -1.52 -4.56 -18.67
CA GLU A 249 -2.88 -4.26 -19.13
C GLU A 249 -3.79 -3.74 -18.03
N LEU A 250 -3.42 -3.86 -16.75
CA LEU A 250 -4.22 -3.20 -15.72
C LEU A 250 -4.44 -1.70 -15.99
N THR A 251 -5.66 -1.28 -15.70
CA THR A 251 -6.12 0.11 -15.80
C THR A 251 -7.12 0.37 -14.73
N HIS A 252 -7.27 1.64 -14.39
CA HIS A 252 -8.26 2.06 -13.46
C HIS A 252 -9.69 1.70 -13.92
N ASP A 253 -9.99 1.93 -15.19
N ASP A 253 -9.99 1.91 -15.20
CA ASP A 253 -11.34 1.59 -15.70
CA ASP A 253 -11.33 1.55 -15.69
C ASP A 253 -11.63 0.09 -15.63
C ASP A 253 -11.61 0.08 -15.51
N ILE A 254 -10.63 -0.75 -15.87
CA ILE A 254 -10.82 -2.22 -15.76
C ILE A 254 -11.12 -2.64 -14.32
N ILE A 255 -10.36 -2.08 -13.38
CA ILE A 255 -10.52 -2.44 -12.00
C ILE A 255 -11.84 -1.99 -11.45
N THR A 256 -12.22 -0.77 -11.82
CA THR A 256 -13.49 -0.20 -11.46
C THR A 256 -14.64 -1.13 -11.92
N LYS A 257 -14.59 -1.61 -13.14
CA LYS A 257 -15.65 -2.54 -13.63
C LYS A 257 -15.70 -3.81 -12.80
N PHE A 258 -14.56 -4.38 -12.40
CA PHE A 258 -14.58 -5.53 -11.48
C PHE A 258 -15.20 -5.23 -10.18
N LEU A 259 -14.87 -4.08 -9.62
CA LEU A 259 -15.39 -3.70 -8.34
C LEU A 259 -16.91 -3.50 -8.35
N GLU A 260 -17.43 -3.14 -9.53
CA GLU A 260 -18.87 -2.91 -9.72
C GLU A 260 -19.66 -4.17 -9.86
N ASN A 261 -18.99 -5.29 -10.14
CA ASN A 261 -19.68 -6.58 -10.35
C ASN A 261 -19.92 -7.24 -9.00
N GLU A 262 -21.15 -7.69 -8.76
CA GLU A 262 -21.49 -8.34 -7.52
C GLU A 262 -21.84 -9.82 -7.73
N ASP A 263 -21.83 -10.33 -8.98
CA ASP A 263 -22.20 -11.72 -9.33
C ASP A 263 -21.24 -12.67 -8.61
N ARG A 264 -21.76 -13.78 -8.12
CA ARG A 264 -20.95 -14.78 -7.35
C ARG A 264 -21.16 -16.09 -8.06
N ARG A 265 -20.16 -16.95 -8.06
CA ARG A 265 -20.31 -18.28 -8.57
C ARG A 265 -19.52 -19.20 -7.66
N SER A 266 -19.87 -20.48 -7.70
N SER A 266 -19.88 -20.48 -7.62
CA SER A 266 -19.18 -21.49 -6.94
CA SER A 266 -19.21 -21.44 -6.78
C SER A 266 -17.73 -21.59 -7.36
C SER A 266 -17.81 -21.70 -7.31
N ALA A 267 -16.85 -21.80 -6.40
CA ALA A 267 -15.50 -22.10 -6.73
C ALA A 267 -14.84 -22.72 -5.55
N SER A 268 -13.86 -23.57 -5.85
N SER A 268 -13.81 -23.51 -5.86
CA SER A 268 -12.98 -24.10 -4.84
CA SER A 268 -12.99 -24.13 -4.86
C SER A 268 -11.74 -23.24 -4.90
C SER A 268 -11.67 -23.33 -4.83
N LEU A 269 -11.53 -22.44 -3.86
CA LEU A 269 -10.46 -21.41 -3.86
C LEU A 269 -9.35 -21.88 -2.94
N HIS A 270 -8.14 -21.84 -3.46
CA HIS A 270 -6.94 -22.01 -2.65
C HIS A 270 -6.13 -20.66 -2.66
N LEU A 271 -5.93 -20.14 -1.51
CA LEU A 271 -5.25 -18.85 -1.32
C LEU A 271 -4.21 -19.06 -0.25
N PRO A 272 -2.97 -18.63 -0.51
CA PRO A 272 -2.00 -18.75 0.58
C PRO A 272 -2.19 -17.84 1.75
N LYS A 273 -1.82 -18.39 2.89
CA LYS A 273 -1.63 -17.65 4.11
C LYS A 273 -0.31 -16.89 4.02
N LEU A 274 -0.34 -15.55 4.10
CA LEU A 274 0.85 -14.71 3.73
C LEU A 274 1.18 -13.79 4.85
N SER A 275 2.47 -13.53 4.99
CA SER A 275 2.86 -12.42 5.80
C SER A 275 3.96 -11.77 5.02
N ILE A 276 3.69 -10.66 4.38
CA ILE A 276 4.69 -10.06 3.47
C ILE A 276 4.93 -8.58 3.71
N THR A 277 6.08 -8.09 3.24
CA THR A 277 6.48 -6.69 3.56
C THR A 277 7.14 -6.13 2.35
N GLY A 278 7.12 -4.82 2.23
CA GLY A 278 7.95 -4.13 1.27
C GLY A 278 8.52 -2.90 1.95
N THR A 279 9.81 -2.67 1.68
CA THR A 279 10.54 -1.59 2.30
C THR A 279 11.21 -0.90 1.16
N TYR A 280 11.05 0.41 1.06
CA TYR A 280 11.57 1.20 -0.05
C TYR A 280 12.18 2.52 0.45
N ASP A 281 13.29 2.84 -0.18
CA ASP A 281 13.87 4.16 -0.09
C ASP A 281 13.12 5.06 -1.05
N LEU A 282 12.32 5.97 -0.54
CA LEU A 282 11.49 6.85 -1.36
C LEU A 282 12.28 7.89 -2.16
N LYS A 283 13.48 8.26 -1.68
CA LYS A 283 14.31 9.19 -2.45
C LYS A 283 14.64 8.52 -3.75
N SER A 284 14.96 7.25 -3.70
CA SER A 284 15.36 6.48 -4.85
C SER A 284 14.15 6.22 -5.77
N VAL A 285 13.09 5.70 -5.18
CA VAL A 285 11.92 5.24 -5.96
C VAL A 285 11.15 6.45 -6.53
N LEU A 286 10.90 7.49 -5.72
CA LEU A 286 10.21 8.66 -6.20
C LEU A 286 11.09 9.51 -7.07
N GLY A 287 12.42 9.38 -6.94
CA GLY A 287 13.34 10.10 -7.81
C GLY A 287 13.16 9.65 -9.25
N GLN A 288 12.95 8.36 -9.43
CA GLN A 288 12.73 7.79 -10.76
C GLN A 288 11.39 8.15 -11.35
N LEU A 289 10.44 8.55 -10.51
CA LEU A 289 9.19 9.11 -10.93
C LEU A 289 9.22 10.60 -11.16
N GLY A 290 10.38 11.22 -10.95
CA GLY A 290 10.54 12.65 -11.23
C GLY A 290 10.51 13.57 -10.00
N ILE A 291 10.46 12.97 -8.79
CA ILE A 291 10.45 13.77 -7.56
C ILE A 291 11.89 13.85 -7.07
N THR A 292 12.56 14.95 -7.47
CA THR A 292 13.98 15.08 -7.24
C THR A 292 14.38 16.33 -6.44
N LYS A 293 13.77 17.46 -6.73
CA LYS A 293 14.25 18.74 -6.17
C LYS A 293 14.15 18.80 -4.66
N VAL A 294 13.07 18.24 -4.11
CA VAL A 294 12.87 18.25 -2.66
C VAL A 294 14.00 17.52 -1.86
N PHE A 295 14.72 16.60 -2.53
CA PHE A 295 15.78 15.87 -1.91
C PHE A 295 17.14 16.53 -2.23
N SER A 296 17.14 17.60 -2.99
CA SER A 296 18.43 18.20 -3.52
C SER A 296 18.65 19.48 -2.72
N ASN A 297 19.87 20.00 -2.85
CA ASN A 297 20.26 21.21 -2.15
C ASN A 297 19.49 22.40 -2.62
N GLY A 298 18.92 22.32 -3.80
CA GLY A 298 18.10 23.39 -4.26
C GLY A 298 16.64 23.33 -3.85
N ALA A 299 16.26 22.47 -2.89
CA ALA A 299 14.90 22.38 -2.44
C ALA A 299 14.36 23.68 -1.94
N ASP A 300 13.19 24.03 -2.39
CA ASP A 300 12.44 25.11 -1.79
C ASP A 300 11.39 24.60 -0.81
N LEU A 301 11.80 24.54 0.45
CA LEU A 301 10.96 24.13 1.57
C LEU A 301 10.81 25.35 2.54
N SER A 302 10.62 26.52 1.94
CA SER A 302 10.43 27.74 2.73
C SER A 302 9.06 27.78 3.44
N GLY A 303 8.14 26.84 3.11
CA GLY A 303 6.89 26.69 3.87
C GLY A 303 7.16 26.00 5.21
N VAL A 304 8.32 25.34 5.32
CA VAL A 304 8.67 24.56 6.51
C VAL A 304 9.53 25.40 7.46
N THR A 305 10.50 26.12 6.87
CA THR A 305 11.46 27.00 7.57
C THR A 305 11.88 28.09 6.60
N GLU A 306 11.86 29.35 7.03
CA GLU A 306 12.07 30.49 6.08
C GLU A 306 13.55 30.90 5.98
N GLU A 307 14.25 30.84 7.10
CA GLU A 307 15.62 31.37 7.21
C GLU A 307 16.60 30.49 6.47
N ALA A 308 16.65 29.24 6.90
CA ALA A 308 17.72 28.34 6.61
C ALA A 308 17.40 27.47 5.38
N PRO A 309 18.40 27.11 4.60
CA PRO A 309 18.27 26.00 3.66
C PRO A 309 17.68 24.77 4.30
N LEU A 310 16.90 24.03 3.52
CA LEU A 310 16.33 22.78 4.00
C LEU A 310 16.07 21.88 2.79
N LYS A 311 16.44 20.61 2.90
CA LYS A 311 16.06 19.54 1.96
C LYS A 311 15.65 18.33 2.76
N LEU A 312 14.85 17.46 2.12
CA LEU A 312 14.51 16.18 2.71
C LEU A 312 15.68 15.20 2.46
N SER A 313 16.28 14.79 3.57
N SER A 313 16.40 14.75 3.50
CA SER A 313 17.49 14.05 3.59
CA SER A 313 17.59 13.84 3.35
C SER A 313 17.20 12.57 3.38
C SER A 313 17.29 12.37 3.51
N LYS A 314 16.10 12.05 3.98
CA LYS A 314 15.82 10.61 4.17
C LYS A 314 14.33 10.41 4.04
N ALA A 315 13.92 9.43 3.25
CA ALA A 315 12.48 9.12 3.14
C ALA A 315 12.29 7.63 2.92
N VAL A 316 11.55 6.98 3.83
CA VAL A 316 11.43 5.57 3.83
C VAL A 316 9.95 5.17 3.96
N HIS A 317 9.62 4.11 3.23
CA HIS A 317 8.31 3.45 3.33
C HIS A 317 8.42 2.06 3.71
N LYS A 318 7.58 1.60 4.62
CA LYS A 318 7.48 0.17 4.82
C LYS A 318 6.00 -0.20 4.99
N ALA A 319 5.63 -1.23 4.22
CA ALA A 319 4.28 -1.81 4.21
C ALA A 319 4.37 -3.22 4.71
N VAL A 320 3.43 -3.62 5.52
CA VAL A 320 3.32 -4.97 6.01
C VAL A 320 1.84 -5.39 5.86
N LEU A 321 1.66 -6.56 5.28
CA LEU A 321 0.32 -7.12 5.07
C LEU A 321 0.30 -8.58 5.51
N THR A 322 -0.72 -8.94 6.28
CA THR A 322 -0.89 -10.29 6.71
C THR A 322 -2.22 -10.77 6.14
N ILE A 323 -2.17 -11.91 5.49
CA ILE A 323 -3.39 -12.60 5.06
C ILE A 323 -3.46 -13.95 5.76
N ASP A 324 -4.59 -14.16 6.40
CA ASP A 324 -4.86 -15.45 7.00
C ASP A 324 -6.36 -15.73 6.98
N GLU A 325 -6.79 -16.79 7.73
CA GLU A 325 -8.12 -17.38 7.60
C GLU A 325 -9.20 -16.46 8.10
N LYS A 326 -8.90 -15.74 9.16
CA LYS A 326 -9.93 -15.00 9.89
C LYS A 326 -9.52 -13.63 10.29
N GLY A 327 -8.24 -13.47 10.67
CA GLY A 327 -7.68 -12.13 11.05
C GLY A 327 -8.03 -11.81 12.52
N THR A 328 -8.64 -12.78 13.22
CA THR A 328 -9.18 -12.58 14.55
C THR A 328 -9.50 -13.94 15.18
N GLU A 329 -9.43 -13.97 16.52
CA GLU A 329 -9.84 -15.13 17.31
C GLU A 329 -11.39 -15.16 17.55
N ALA A 330 -12.03 -14.00 17.43
CA ALA A 330 -13.50 -13.81 17.65
C ALA A 330 -14.32 -14.75 16.77
N ALA A 331 -15.50 -15.17 17.25
CA ALA A 331 -16.45 -15.97 16.43
C ALA A 331 -17.04 -15.05 15.36
N GLY A 332 -17.14 -15.53 14.12
CA GLY A 332 -17.72 -14.70 13.04
C GLY A 332 -19.25 -14.66 13.13
N ALA A 333 -19.86 -13.70 12.43
CA ALA A 333 -21.31 -13.77 12.14
C ALA A 333 -21.57 -15.06 11.34
N MET A 334 -22.63 -15.78 11.71
CA MET A 334 -22.98 -17.03 11.04
C MET A 334 -23.83 -16.74 9.80
N PHE A 335 -23.57 -17.48 8.75
CA PHE A 335 -24.26 -17.29 7.48
C PHE A 335 -24.18 -18.59 6.70
N LEU A 336 -25.08 -18.74 5.73
CA LEU A 336 -25.11 -19.92 4.93
C LEU A 336 -25.07 -19.48 3.49
N GLU A 337 -24.20 -20.13 2.70
CA GLU A 337 -24.19 -19.89 1.29
C GLU A 337 -24.82 -21.12 0.61
N ALA A 338 -25.62 -20.86 -0.40
CA ALA A 338 -26.20 -21.91 -1.24
C ALA A 338 -25.22 -22.28 -2.35
N ILE A 339 -24.70 -23.50 -2.31
CA ILE A 339 -23.68 -23.92 -3.29
C ILE A 339 -24.30 -24.96 -4.23
N PRO A 340 -24.27 -24.72 -5.56
CA PRO A 340 -24.98 -25.61 -6.49
C PRO A 340 -24.29 -26.98 -6.61
N MET A 341 -25.08 -27.96 -7.05
CA MET A 341 -24.61 -29.35 -7.28
C MET A 341 -24.03 -29.38 -8.67
N SER A 342 -22.80 -28.92 -8.77
CA SER A 342 -22.16 -28.76 -10.08
C SER A 342 -20.68 -28.54 -9.81
N ILE A 343 -19.84 -28.94 -10.75
CA ILE A 343 -18.42 -28.97 -10.47
C ILE A 343 -17.89 -27.54 -10.38
N PRO A 344 -17.33 -27.16 -9.23
CA PRO A 344 -16.86 -25.78 -9.19
C PRO A 344 -15.46 -25.71 -9.82
N PRO A 345 -15.15 -24.62 -10.50
CA PRO A 345 -13.76 -24.47 -10.89
C PRO A 345 -12.86 -24.42 -9.69
N GLU A 346 -11.69 -25.01 -9.82
CA GLU A 346 -10.63 -24.92 -8.83
C GLU A 346 -9.71 -23.78 -9.20
N VAL A 347 -9.63 -22.76 -8.38
CA VAL A 347 -8.79 -21.60 -8.64
C VAL A 347 -7.76 -21.53 -7.58
N LYS A 348 -6.48 -21.76 -7.97
CA LYS A 348 -5.40 -21.87 -6.98
C LYS A 348 -4.38 -20.77 -7.15
N PHE A 349 -4.19 -19.96 -6.11
CA PHE A 349 -3.23 -18.82 -6.09
C PHE A 349 -1.89 -19.44 -5.64
N ASN A 350 -1.43 -20.33 -6.52
CA ASN A 350 -0.23 -21.19 -6.21
C ASN A 350 0.91 -20.91 -7.21
N LYS A 351 0.93 -19.70 -7.72
CA LYS A 351 1.97 -19.24 -8.64
C LYS A 351 1.84 -17.69 -8.59
N PRO A 352 2.81 -16.99 -9.18
CA PRO A 352 2.87 -15.59 -8.94
C PRO A 352 1.56 -14.87 -9.33
N PHE A 353 1.21 -13.93 -8.47
CA PHE A 353 -0.06 -13.13 -8.66
C PHE A 353 0.09 -11.74 -8.21
N VAL A 354 -0.87 -10.90 -8.62
CA VAL A 354 -0.87 -9.45 -8.36
C VAL A 354 -2.12 -9.14 -7.55
N PHE A 355 -2.08 -8.15 -6.69
CA PHE A 355 -3.29 -7.77 -5.98
C PHE A 355 -3.32 -6.32 -5.62
N LEU A 356 -4.52 -5.83 -5.33
CA LEU A 356 -4.72 -4.52 -4.76
C LEU A 356 -5.68 -4.65 -3.60
N ILE A 357 -5.59 -3.72 -2.67
CA ILE A 357 -6.54 -3.64 -1.61
C ILE A 357 -7.13 -2.24 -1.73
N ILE A 358 -8.46 -2.19 -1.77
CA ILE A 358 -9.20 -0.95 -2.10
C ILE A 358 -10.06 -0.54 -0.89
N GLU A 359 -10.06 0.74 -0.57
CA GLU A 359 -10.89 1.28 0.53
C GLU A 359 -12.25 1.49 -0.09
N GLN A 360 -13.32 1.03 0.56
CA GLN A 360 -14.61 0.93 -0.20
C GLN A 360 -15.35 2.28 -0.37
N ASN A 361 -15.22 3.18 0.60
CA ASN A 361 -15.91 4.51 0.50
C ASN A 361 -15.35 5.33 -0.66
N THR A 362 -14.01 5.37 -0.74
CA THR A 362 -13.36 6.21 -1.72
C THR A 362 -12.93 5.53 -2.97
N LYS A 363 -12.83 4.21 -2.92
CA LYS A 363 -12.27 3.36 -3.93
C LYS A 363 -10.73 3.49 -4.08
N ALA A 364 -10.09 4.14 -3.13
CA ALA A 364 -8.64 4.41 -3.24
C ALA A 364 -7.84 3.16 -3.01
N PRO A 365 -6.66 3.09 -3.66
CA PRO A 365 -5.80 1.89 -3.53
C PRO A 365 -4.93 1.96 -2.32
N LEU A 366 -5.31 1.24 -1.29
CA LEU A 366 -4.57 1.20 -0.06
C LEU A 366 -3.30 0.42 -0.16
N PHE A 367 -3.30 -0.67 -0.89
CA PHE A 367 -2.10 -1.41 -1.16
C PHE A 367 -2.13 -1.85 -2.62
N MET A 368 -0.95 -2.06 -3.22
CA MET A 368 -0.77 -2.83 -4.42
C MET A 368 0.43 -3.71 -4.23
N GLY A 369 0.36 -4.93 -4.72
CA GLY A 369 1.47 -5.90 -4.51
C GLY A 369 1.51 -6.99 -5.52
N ARG A 370 2.58 -7.78 -5.44
CA ARG A 370 2.79 -8.98 -6.18
C ARG A 370 3.44 -9.99 -5.22
N VAL A 371 2.97 -11.22 -5.27
CA VAL A 371 3.61 -12.34 -4.56
C VAL A 371 4.15 -13.25 -5.62
N VAL A 372 5.49 -13.32 -5.68
CA VAL A 372 6.15 -14.34 -6.51
C VAL A 372 6.66 -15.59 -5.74
N ASN A 373 6.91 -15.42 -4.50
CA ASN A 373 7.26 -16.49 -3.55
C ASN A 373 6.84 -16.12 -2.15
N PRO A 374 5.83 -16.80 -1.57
CA PRO A 374 5.33 -16.35 -0.27
C PRO A 374 6.39 -16.45 0.84
N THR A 375 7.45 -17.27 0.63
CA THR A 375 8.50 -17.44 1.62
C THR A 375 9.68 -16.47 1.45
N GLN A 376 9.78 -15.74 0.35
CA GLN A 376 10.70 -14.57 0.28
C GLN A 376 10.10 -13.54 1.20
C1 GOL B . -9.92 1.29 -7.94
O1 GOL B . -10.83 2.25 -7.44
C2 GOL B . -8.53 2.00 -7.85
O2 GOL B . -8.07 2.05 -6.47
C3 GOL B . -7.47 1.28 -8.64
O3 GOL B . -7.85 1.32 -10.01
C1 GOL C . -6.52 -15.36 -22.99
O1 GOL C . -6.82 -13.96 -22.85
C2 GOL C . -7.26 -16.19 -21.93
O2 GOL C . -8.67 -16.06 -22.08
C3 GOL C . -6.90 -17.68 -22.03
O3 GOL C . -7.03 -18.35 -20.77
C1 OXM D . 27.35 6.94 19.12
N1 OXM D . 26.41 7.84 19.32
O1 OXM D . 27.15 5.76 19.37
C2 OXM D . 28.65 7.35 18.58
O2 OXM D . 28.70 8.04 17.57
O3 OXM D . 29.69 7.00 19.16
C1 OXM E . -14.94 -13.13 1.49
N1 OXM E . -14.92 -12.17 2.48
O1 OXM E . -14.21 -14.16 1.53
C2 OXM E . -15.83 -12.92 0.31
O2 OXM E . -16.09 -11.63 0.09
O3 OXM E . -16.28 -14.00 -0.37
#